data_1APS
#
_entry.id   1APS
#
_cell.length_a   1.000
_cell.length_b   1.000
_cell.length_c   1.000
_cell.angle_alpha   90.00
_cell.angle_beta   90.00
_cell.angle_gamma   90.00
#
_symmetry.space_group_name_H-M   'P 1'
#
_entity_poly.entity_id   1
_entity_poly.type   'polypeptide(L)'
_entity_poly.pdbx_seq_one_letter_code
;STARPLKSVDYEVFGRVQGVCFRMYAEDEARKIGVVGWVKNTSKGTVTGQVQGPEEKVNSMKSWLSKVGSPSSRIDRTNF
SNEKTISKLEYSNFSVRY
;
_entity_poly.pdbx_strand_id   A
#
# COMPACT_ATOMS: atom_id res chain seq x y z
N SER A 1 1.59 -17.18 10.66
CA SER A 1 1.34 -16.46 11.92
C SER A 1 2.41 -15.42 12.27
N THR A 2 2.15 -14.74 13.38
CA THR A 2 2.95 -13.64 13.94
C THR A 2 4.45 -13.91 14.12
N ALA A 3 4.81 -15.16 14.41
CA ALA A 3 6.20 -15.63 14.51
C ALA A 3 7.08 -15.29 13.29
N ARG A 4 6.43 -15.08 12.15
CA ARG A 4 7.08 -14.68 10.88
C ARG A 4 7.00 -13.16 10.68
N PRO A 5 8.13 -12.47 10.60
CA PRO A 5 8.19 -11.03 10.33
C PRO A 5 7.82 -10.64 8.89
N LEU A 6 6.60 -11.00 8.53
CA LEU A 6 5.89 -10.66 7.29
C LEU A 6 4.57 -9.99 7.67
N LYS A 7 4.54 -8.69 7.46
CA LYS A 7 3.47 -7.84 8.04
C LYS A 7 2.46 -7.37 6.99
N SER A 8 1.25 -7.89 7.14
CA SER A 8 0.08 -7.38 6.42
C SER A 8 -0.57 -6.20 7.15
N VAL A 9 -0.27 -5.06 6.53
CA VAL A 9 -0.66 -3.70 6.93
C VAL A 9 -1.69 -3.19 5.92
N ASP A 10 -2.64 -2.43 6.46
CA ASP A 10 -3.64 -1.70 5.67
C ASP A 10 -3.37 -0.20 5.73
N TYR A 11 -3.61 0.42 4.57
CA TYR A 11 -3.46 1.87 4.38
C TYR A 11 -4.77 2.51 3.94
N GLU A 12 -4.84 3.82 4.16
CA GLU A 12 -5.89 4.69 3.61
C GLU A 12 -5.36 6.08 3.25
N VAL A 13 -5.44 6.34 1.94
CA VAL A 13 -5.21 7.64 1.30
C VAL A 13 -6.55 8.38 1.28
N PHE A 14 -6.53 9.55 1.90
CA PHE A 14 -7.70 10.43 2.07
C PHE A 14 -7.90 11.34 0.85
N GLY A 15 -8.34 10.69 -0.22
CA GLY A 15 -8.73 11.34 -1.48
C GLY A 15 -10.20 11.78 -1.43
N ARG A 16 -10.42 12.84 -0.65
CA ARG A 16 -11.73 13.41 -0.33
C ARG A 16 -12.79 13.30 -1.43
N VAL A 17 -12.50 13.87 -2.59
CA VAL A 17 -13.36 13.73 -3.77
C VAL A 17 -12.52 13.21 -4.94
N GLN A 18 -12.18 11.92 -4.85
CA GLN A 18 -11.44 11.16 -5.86
C GLN A 18 -10.11 11.81 -6.31
N GLY A 19 -9.81 11.77 -7.60
CA GLY A 19 -8.63 12.41 -8.21
C GLY A 19 -7.30 11.67 -8.05
N VAL A 20 -7.11 11.07 -6.88
CA VAL A 20 -5.94 10.29 -6.48
C VAL A 20 -5.54 9.15 -7.42
N CYS A 21 -4.53 9.49 -8.22
CA CYS A 21 -3.92 8.57 -9.19
C CYS A 21 -2.70 7.91 -8.54
N PHE A 22 -3.07 6.99 -7.67
CA PHE A 22 -2.15 6.13 -6.90
C PHE A 22 -1.61 4.96 -7.71
N ARG A 23 -2.41 4.52 -8.67
CA ARG A 23 -2.09 3.46 -9.64
C ARG A 23 -0.75 3.66 -10.36
N MET A 24 -0.21 2.55 -10.82
CA MET A 24 1.13 2.41 -11.43
C MET A 24 2.30 2.71 -10.50
N TYR A 25 2.29 3.92 -9.95
CA TYR A 25 3.21 4.44 -8.93
C TYR A 25 3.39 3.42 -7.80
N ALA A 26 2.26 3.03 -7.23
CA ALA A 26 2.14 1.96 -6.24
C ALA A 26 2.76 0.65 -6.71
N GLU A 27 2.14 0.04 -7.71
CA GLU A 27 2.54 -1.22 -8.36
C GLU A 27 4.05 -1.39 -8.56
N ASP A 28 4.60 -0.49 -9.37
CA ASP A 28 6.00 -0.49 -9.82
C ASP A 28 7.01 -0.30 -8.68
N GLU A 29 6.81 0.74 -7.87
CA GLU A 29 7.69 1.03 -6.75
C GLU A 29 7.60 0.01 -5.60
N ALA A 30 6.39 -0.49 -5.35
CA ALA A 30 6.14 -1.55 -4.36
C ALA A 30 6.84 -2.86 -4.71
N ARG A 31 6.80 -3.20 -6.00
CA ARG A 31 7.61 -4.29 -6.58
C ARG A 31 9.09 -4.10 -6.25
N LYS A 32 9.62 -2.91 -6.52
CA LYS A 32 11.02 -2.54 -6.24
C LYS A 32 11.40 -2.59 -4.77
N ILE A 33 10.49 -2.14 -3.90
CA ILE A 33 10.60 -2.24 -2.44
C ILE A 33 10.66 -3.70 -1.98
N GLY A 34 9.96 -4.58 -2.69
CA GLY A 34 9.84 -6.01 -2.39
C GLY A 34 8.54 -6.37 -1.66
N VAL A 35 7.45 -5.70 -2.02
CA VAL A 35 6.14 -5.91 -1.42
C VAL A 35 5.02 -6.29 -2.40
N VAL A 36 4.03 -6.90 -1.77
CA VAL A 36 2.85 -7.56 -2.35
C VAL A 36 1.58 -6.98 -1.72
N GLY A 37 0.47 -7.08 -2.45
CA GLY A 37 -0.86 -6.64 -1.99
C GLY A 37 -1.68 -6.03 -3.14
N TRP A 38 -2.47 -5.01 -2.78
CA TRP A 38 -3.44 -4.38 -3.69
C TRP A 38 -4.00 -3.04 -3.22
N VAL A 39 -4.67 -2.41 -4.18
CA VAL A 39 -5.38 -1.13 -4.05
C VAL A 39 -6.89 -1.40 -4.07
N LYS A 40 -7.60 -0.74 -3.16
CA LYS A 40 -9.06 -0.73 -3.06
C LYS A 40 -9.58 0.69 -3.35
N ASN A 41 -10.30 0.75 -4.46
CA ASN A 41 -10.95 1.97 -4.96
C ASN A 41 -12.40 2.03 -4.46
N THR A 42 -12.66 3.10 -3.71
CA THR A 42 -14.00 3.37 -3.18
C THR A 42 -14.72 4.40 -4.07
N SER A 43 -15.95 4.71 -3.66
CA SER A 43 -16.76 5.79 -4.22
C SER A 43 -16.09 7.16 -4.13
N LYS A 44 -15.67 7.52 -2.92
CA LYS A 44 -15.13 8.84 -2.60
C LYS A 44 -13.62 8.87 -2.31
N GLY A 45 -12.88 8.24 -3.23
CA GLY A 45 -11.43 8.34 -3.40
C GLY A 45 -10.50 7.91 -2.25
N THR A 46 -11.09 7.40 -1.17
CA THR A 46 -10.36 6.73 -0.08
C THR A 46 -9.70 5.43 -0.57
N VAL A 47 -8.52 5.65 -1.15
CA VAL A 47 -7.66 4.61 -1.72
C VAL A 47 -6.98 3.85 -0.58
N THR A 48 -7.68 2.78 -0.27
CA THR A 48 -7.33 1.80 0.77
C THR A 48 -6.74 0.54 0.11
N GLY A 49 -6.57 -0.52 0.87
CA GLY A 49 -6.01 -1.80 0.43
C GLY A 49 -4.98 -2.39 1.40
N GLN A 50 -4.24 -3.34 0.84
CA GLN A 50 -3.36 -4.25 1.58
C GLN A 50 -1.92 -4.21 1.09
N VAL A 51 -1.01 -4.07 2.05
CA VAL A 51 0.44 -4.14 1.90
C VAL A 51 0.94 -5.29 2.78
N GLN A 52 1.36 -6.37 2.11
CA GLN A 52 2.05 -7.51 2.71
C GLN A 52 3.48 -7.50 2.16
N GLY A 53 4.43 -7.63 3.08
CA GLY A 53 5.87 -7.67 2.78
C GLY A 53 6.71 -8.11 3.98
N PRO A 54 7.91 -8.60 3.75
CA PRO A 54 8.89 -8.81 4.82
C PRO A 54 9.20 -7.49 5.53
N GLU A 55 9.37 -7.59 6.84
CA GLU A 55 9.52 -6.46 7.79
C GLU A 55 10.23 -5.22 7.26
N GLU A 56 11.51 -5.33 6.95
CA GLU A 56 12.31 -4.21 6.41
C GLU A 56 11.70 -3.50 5.20
N LYS A 57 11.06 -4.28 4.34
CA LYS A 57 10.40 -3.81 3.11
C LYS A 57 9.11 -3.04 3.40
N VAL A 58 8.29 -3.52 4.34
CA VAL A 58 7.12 -2.77 4.80
C VAL A 58 7.44 -1.46 5.52
N ASN A 59 8.55 -1.42 6.26
CA ASN A 59 9.12 -0.19 6.82
C ASN A 59 9.43 0.87 5.75
N SER A 60 10.09 0.43 4.69
CA SER A 60 10.38 1.23 3.50
C SER A 60 9.12 1.74 2.81
N MET A 61 8.15 0.84 2.66
CA MET A 61 6.81 1.12 2.12
C MET A 61 6.02 2.18 2.91
N LYS A 62 6.12 2.12 4.23
CA LYS A 62 5.59 3.13 5.16
C LYS A 62 6.28 4.50 5.08
N SER A 63 7.60 4.47 4.94
CA SER A 63 8.40 5.66 4.65
C SER A 63 7.94 6.32 3.35
N TRP A 64 7.68 5.47 2.36
CA TRP A 64 6.94 5.79 1.13
C TRP A 64 5.44 5.88 1.41
N LEU A 65 4.69 6.18 0.35
CA LEU A 65 3.25 6.47 0.33
C LEU A 65 2.84 7.80 0.96
N SER A 66 3.55 8.15 2.03
CA SER A 66 3.66 9.49 2.62
C SER A 66 4.64 10.34 1.80
N LYS A 67 5.75 9.71 1.41
CA LYS A 67 6.59 10.14 0.27
C LYS A 67 5.71 10.05 -0.98
N VAL A 68 5.24 11.24 -1.32
CA VAL A 68 4.20 11.43 -2.35
C VAL A 68 4.70 12.04 -3.66
N GLY A 69 5.07 11.12 -4.54
CA GLY A 69 5.40 11.37 -5.96
C GLY A 69 4.19 11.02 -6.82
N SER A 70 4.15 11.58 -8.03
CA SER A 70 2.91 11.64 -8.82
C SER A 70 2.96 11.10 -10.24
N PRO A 71 1.92 10.39 -10.66
CA PRO A 71 1.61 10.21 -12.09
C PRO A 71 0.49 11.08 -12.66
N SER A 72 0.00 12.04 -11.87
CA SER A 72 -1.07 13.00 -12.17
C SER A 72 -1.32 13.97 -11.02
N SER A 73 -1.86 13.44 -9.93
CA SER A 73 -2.32 14.21 -8.76
C SER A 73 -1.51 13.94 -7.49
N ARG A 74 -1.82 14.73 -6.46
CA ARG A 74 -1.27 14.52 -5.12
C ARG A 74 -1.98 13.39 -4.37
N ILE A 75 -1.16 12.48 -3.85
CA ILE A 75 -1.61 11.43 -2.93
C ILE A 75 -1.84 12.09 -1.58
N ASP A 76 -3.04 12.63 -1.44
CA ASP A 76 -3.45 13.48 -0.31
C ASP A 76 -3.75 12.69 0.97
N ARG A 77 -2.67 12.57 1.73
CA ARG A 77 -2.62 12.02 3.09
C ARG A 77 -2.88 10.50 3.15
N THR A 78 -1.80 9.81 3.52
CA THR A 78 -1.81 8.36 3.71
C THR A 78 -1.50 8.01 5.17
N ASN A 79 -2.51 7.39 5.77
CA ASN A 79 -2.48 6.85 7.14
C ASN A 79 -2.31 5.32 7.07
N PHE A 80 -1.49 4.84 8.00
CA PHE A 80 -1.13 3.41 8.11
C PHE A 80 -1.66 2.85 9.43
N SER A 81 -2.80 2.17 9.32
CA SER A 81 -3.48 1.54 10.45
C SER A 81 -4.00 0.16 10.06
N ASN A 82 -4.19 -0.68 11.08
CA ASN A 82 -4.39 -2.13 10.98
C ASN A 82 -3.10 -2.82 10.53
N GLU A 83 -2.33 -3.19 11.55
CA GLU A 83 -1.02 -3.87 11.41
C GLU A 83 -1.06 -5.24 12.06
N LYS A 84 -0.98 -6.27 11.20
CA LYS A 84 -1.04 -7.68 11.59
C LYS A 84 -0.02 -8.56 10.85
N THR A 85 0.96 -9.01 11.63
CA THR A 85 1.98 -9.98 11.20
C THR A 85 1.40 -11.37 10.95
N ILE A 86 1.64 -11.82 9.72
CA ILE A 86 1.17 -13.09 9.16
C ILE A 86 2.34 -13.91 8.60
N SER A 87 2.03 -14.86 7.72
CA SER A 87 3.03 -15.70 7.04
C SER A 87 2.75 -15.74 5.54
N LYS A 88 3.82 -15.76 4.75
CA LYS A 88 3.80 -15.77 3.28
C LYS A 88 3.11 -14.60 2.58
N LEU A 89 3.50 -14.39 1.33
CA LEU A 89 2.98 -13.30 0.49
C LEU A 89 1.86 -13.80 -0.43
N GLU A 90 0.64 -13.67 0.05
CA GLU A 90 -0.55 -14.28 -0.55
C GLU A 90 -1.22 -13.55 -1.72
N TYR A 91 -0.39 -12.90 -2.54
CA TYR A 91 -0.84 -12.16 -3.73
C TYR A 91 0.28 -12.03 -4.77
N SER A 92 -0.15 -11.95 -6.02
CA SER A 92 0.71 -11.69 -7.18
C SER A 92 1.06 -10.20 -7.30
N ASN A 93 2.13 -9.87 -6.56
CA ASN A 93 2.67 -8.52 -6.41
C ASN A 93 1.69 -7.51 -5.80
N PHE A 94 2.19 -6.29 -5.59
CA PHE A 94 1.33 -5.14 -5.34
C PHE A 94 0.76 -4.65 -6.68
N SER A 95 -0.55 -4.85 -6.76
CA SER A 95 -1.34 -4.83 -8.00
C SER A 95 -2.26 -3.62 -8.16
N VAL A 96 -3.45 -3.87 -8.68
CA VAL A 96 -4.39 -2.87 -9.22
C VAL A 96 -5.55 -2.58 -8.27
N ARG A 97 -6.54 -1.84 -8.77
CA ARG A 97 -7.79 -1.54 -8.05
C ARG A 97 -8.78 -2.71 -8.03
N TYR A 98 -9.16 -3.03 -6.80
CA TYR A 98 -10.15 -4.07 -6.47
C TYR A 98 -11.37 -3.46 -5.78
N SER A 1 -1.41 -4.19 17.62
CA SER A 1 -1.65 -4.83 16.32
C SER A 1 -0.43 -5.64 15.84
N THR A 2 -0.24 -6.76 16.52
CA THR A 2 0.88 -7.72 16.42
C THR A 2 2.29 -7.20 16.70
N ALA A 3 2.63 -6.02 16.18
CA ALA A 3 3.84 -5.22 16.43
C ALA A 3 5.20 -5.72 15.93
N ARG A 4 5.43 -7.03 15.98
CA ARG A 4 6.71 -7.68 15.63
C ARG A 4 7.15 -7.33 14.20
N PRO A 5 8.45 -7.17 13.92
CA PRO A 5 8.93 -6.80 12.58
C PRO A 5 8.84 -7.87 11.50
N LEU A 6 7.58 -8.07 11.10
CA LEU A 6 7.08 -8.92 10.00
C LEU A 6 5.63 -8.53 9.76
N LYS A 7 5.39 -7.23 9.86
CA LYS A 7 4.09 -6.64 10.24
C LYS A 7 3.28 -6.02 9.10
N SER A 8 2.62 -6.89 8.33
CA SER A 8 1.85 -6.51 7.15
C SER A 8 0.76 -5.49 7.48
N VAL A 9 0.79 -4.42 6.69
CA VAL A 9 -0.05 -3.23 6.88
C VAL A 9 -1.03 -3.03 5.72
N ASP A 10 -2.23 -2.59 6.11
CA ASP A 10 -3.28 -2.13 5.19
C ASP A 10 -3.40 -0.61 5.34
N TYR A 11 -3.18 0.03 4.19
CA TYR A 11 -3.08 1.49 4.03
C TYR A 11 -4.33 2.10 3.40
N GLU A 12 -4.90 3.06 4.11
CA GLU A 12 -5.95 3.94 3.58
C GLU A 12 -5.36 5.30 3.19
N VAL A 13 -5.41 5.51 1.89
CA VAL A 13 -4.98 6.72 1.18
C VAL A 13 -5.94 7.89 1.46
N PHE A 14 -5.33 8.95 2.00
CA PHE A 14 -5.94 10.28 2.10
C PHE A 14 -4.94 11.33 1.61
N GLY A 15 -5.48 12.42 1.07
CA GLY A 15 -4.69 13.54 0.54
C GLY A 15 -5.49 14.73 0.04
N ARG A 16 -4.95 15.36 -1.01
CA ARG A 16 -5.44 16.65 -1.53
C ARG A 16 -6.35 16.45 -2.75
N VAL A 17 -5.75 16.23 -3.91
CA VAL A 17 -6.43 16.16 -5.21
C VAL A 17 -7.12 14.80 -5.35
N GLN A 18 -8.43 14.88 -5.52
CA GLN A 18 -9.33 13.72 -5.53
C GLN A 18 -9.15 12.77 -6.71
N GLY A 19 -9.19 11.48 -6.36
CA GLY A 19 -9.12 10.37 -7.33
C GLY A 19 -7.71 9.77 -7.46
N VAL A 20 -7.49 8.72 -6.70
CA VAL A 20 -6.25 7.95 -6.55
C VAL A 20 -5.30 7.92 -7.75
N CYS A 21 -5.67 7.22 -8.82
CA CYS A 21 -4.92 7.06 -10.06
C CYS A 21 -3.57 6.35 -10.05
N PHE A 22 -2.85 6.38 -8.93
CA PHE A 22 -1.51 5.81 -8.70
C PHE A 22 -1.33 4.30 -8.80
N ARG A 23 -2.27 3.67 -9.49
CA ARG A 23 -2.51 2.21 -9.51
C ARG A 23 -1.34 1.41 -10.08
N MET A 24 -1.15 1.47 -11.40
CA MET A 24 -0.02 0.82 -12.07
C MET A 24 1.35 1.12 -11.46
N TYR A 25 1.56 2.42 -11.20
CA TYR A 25 2.75 2.96 -10.53
C TYR A 25 3.13 2.18 -9.28
N ALA A 26 2.20 2.10 -8.33
CA ALA A 26 2.34 1.39 -7.06
C ALA A 26 2.64 -0.11 -7.23
N GLU A 27 1.83 -0.73 -8.07
CA GLU A 27 1.88 -2.17 -8.40
C GLU A 27 3.26 -2.61 -8.91
N ASP A 28 3.65 -1.96 -10.00
CA ASP A 28 4.92 -2.18 -10.70
C ASP A 28 6.13 -1.98 -9.79
N GLU A 29 6.18 -0.83 -9.13
CA GLU A 29 7.27 -0.47 -8.19
C GLU A 29 7.41 -1.48 -7.06
N ALA A 30 6.33 -1.69 -6.31
CA ALA A 30 6.29 -2.56 -5.14
C ALA A 30 6.74 -3.99 -5.40
N ARG A 31 6.25 -4.57 -6.49
CA ARG A 31 6.65 -5.90 -6.98
C ARG A 31 8.18 -6.00 -7.15
N LYS A 32 8.70 -5.08 -7.95
CA LYS A 32 10.13 -4.95 -8.27
C LYS A 32 11.02 -4.74 -7.04
N ILE A 33 10.50 -4.02 -6.05
CA ILE A 33 11.22 -3.70 -4.81
C ILE A 33 10.75 -4.45 -3.56
N GLY A 34 10.34 -5.70 -3.76
CA GLY A 34 10.07 -6.69 -2.71
C GLY A 34 8.99 -6.36 -1.68
N VAL A 35 7.96 -5.64 -2.15
CA VAL A 35 6.79 -5.23 -1.37
C VAL A 35 5.56 -5.74 -2.11
N VAL A 36 4.81 -6.61 -1.41
CA VAL A 36 3.68 -7.32 -2.01
C VAL A 36 2.38 -7.19 -1.23
N GLY A 37 1.27 -7.53 -1.89
CA GLY A 37 -0.09 -7.46 -1.37
C GLY A 37 -1.09 -7.15 -2.49
N TRP A 38 -1.79 -6.03 -2.29
CA TRP A 38 -2.92 -5.59 -3.12
C TRP A 38 -3.31 -4.12 -2.95
N VAL A 39 -4.07 -3.65 -3.93
CA VAL A 39 -4.77 -2.35 -3.93
C VAL A 39 -6.26 -2.64 -4.14
N LYS A 40 -7.12 -1.98 -3.36
CA LYS A 40 -8.57 -2.07 -3.52
C LYS A 40 -9.24 -0.70 -3.36
N ASN A 41 -10.20 -0.43 -4.25
CA ASN A 41 -11.06 0.75 -4.19
C ASN A 41 -12.31 0.50 -3.33
N THR A 42 -12.64 1.56 -2.60
CA THR A 42 -13.80 1.72 -1.70
C THR A 42 -15.07 2.02 -2.51
N SER A 43 -15.15 1.36 -3.66
CA SER A 43 -15.88 1.72 -4.87
C SER A 43 -15.37 2.99 -5.54
N LYS A 44 -15.22 4.09 -4.79
CA LYS A 44 -14.98 5.42 -5.36
C LYS A 44 -13.88 6.23 -4.67
N GLY A 45 -13.02 6.79 -5.51
CA GLY A 45 -12.05 7.84 -5.14
C GLY A 45 -10.78 7.36 -4.43
N THR A 46 -10.96 6.83 -3.22
CA THR A 46 -9.91 6.37 -2.30
C THR A 46 -9.55 4.89 -2.48
N VAL A 47 -8.34 4.57 -2.03
CA VAL A 47 -7.88 3.19 -1.95
C VAL A 47 -7.39 2.75 -0.57
N THR A 48 -7.94 1.60 -0.21
CA THR A 48 -7.51 0.73 0.91
C THR A 48 -6.83 -0.50 0.30
N GLY A 49 -5.50 -0.48 0.41
CA GLY A 49 -4.61 -1.52 -0.11
C GLY A 49 -3.78 -2.16 1.00
N GLN A 50 -2.99 -3.18 0.64
CA GLN A 50 -2.12 -3.90 1.58
C GLN A 50 -0.69 -4.04 1.08
N VAL A 51 0.22 -3.73 2.00
CA VAL A 51 1.69 -3.82 1.93
C VAL A 51 2.16 -4.84 2.96
N GLN A 52 2.80 -5.88 2.45
CA GLN A 52 3.45 -6.96 3.20
C GLN A 52 4.45 -6.45 4.24
N GLY A 53 4.68 -7.31 5.22
CA GLY A 53 5.56 -7.11 6.39
C GLY A 53 6.61 -5.99 6.28
N PRO A 54 6.31 -4.80 6.80
CA PRO A 54 7.32 -3.78 7.06
C PRO A 54 8.38 -4.25 8.08
N GLU A 55 9.36 -4.90 7.47
CA GLU A 55 10.62 -5.31 8.12
C GLU A 55 11.81 -4.67 7.39
N GLU A 56 12.28 -3.61 8.03
CA GLU A 56 13.41 -2.78 7.62
C GLU A 56 13.35 -2.16 6.22
N LYS A 57 13.83 -2.85 5.19
CA LYS A 57 13.82 -2.42 3.78
C LYS A 57 12.44 -1.94 3.33
N VAL A 58 11.44 -2.78 3.60
CA VAL A 58 10.03 -2.58 3.23
C VAL A 58 9.48 -1.26 3.77
N ASN A 59 9.91 -0.88 4.97
CA ASN A 59 9.50 0.38 5.62
C ASN A 59 9.78 1.65 4.81
N SER A 60 10.87 1.68 4.06
CA SER A 60 11.22 2.82 3.21
C SER A 60 10.19 3.10 2.12
N MET A 61 9.56 2.03 1.63
CA MET A 61 8.48 2.09 0.64
C MET A 61 7.20 2.73 1.18
N LYS A 62 6.97 2.62 2.48
CA LYS A 62 5.87 3.31 3.17
C LYS A 62 5.96 4.83 3.10
N SER A 63 7.17 5.37 3.18
CA SER A 63 7.45 6.80 2.99
C SER A 63 6.93 7.28 1.65
N TRP A 64 7.26 6.53 0.59
CA TRP A 64 6.74 6.69 -0.76
C TRP A 64 5.20 6.69 -0.81
N LEU A 65 4.61 5.59 -0.34
CA LEU A 65 3.17 5.35 -0.26
C LEU A 65 2.35 6.31 0.59
N SER A 66 3.02 7.07 1.45
CA SER A 66 2.38 8.16 2.21
C SER A 66 2.49 9.54 1.54
N LYS A 67 3.72 9.93 1.22
CA LYS A 67 4.08 11.28 0.76
C LYS A 67 3.62 11.63 -0.66
N VAL A 68 3.78 10.69 -1.59
CA VAL A 68 3.68 10.99 -3.02
C VAL A 68 2.62 10.22 -3.82
N GLY A 69 1.65 11.00 -4.29
CA GLY A 69 0.69 10.58 -5.31
C GLY A 69 1.09 11.12 -6.69
N SER A 70 2.03 10.42 -7.30
CA SER A 70 2.63 10.84 -8.58
C SER A 70 1.63 10.89 -9.74
N PRO A 71 0.77 9.89 -9.93
CA PRO A 71 -0.49 10.13 -10.63
C PRO A 71 -1.53 10.48 -9.56
N SER A 72 -1.80 11.78 -9.48
CA SER A 72 -2.75 12.41 -8.55
C SER A 72 -2.36 12.39 -7.07
N SER A 73 -2.32 13.59 -6.52
CA SER A 73 -1.94 13.86 -5.11
C SER A 73 -3.07 13.68 -4.11
N ARG A 74 -3.67 12.49 -4.20
CA ARG A 74 -4.58 11.89 -3.21
C ARG A 74 -3.79 11.13 -2.16
N ILE A 75 -2.50 10.92 -2.41
CA ILE A 75 -1.57 10.23 -1.51
C ILE A 75 -0.66 11.29 -0.89
N ASP A 76 -1.09 11.69 0.31
CA ASP A 76 -0.38 12.66 1.16
C ASP A 76 -0.30 12.20 2.62
N ARG A 77 -1.44 11.78 3.15
CA ARG A 77 -1.61 11.28 4.53
C ARG A 77 -2.21 9.88 4.45
N THR A 78 -1.33 8.90 4.36
CA THR A 78 -1.75 7.50 4.22
C THR A 78 -1.58 6.71 5.52
N ASN A 79 -2.72 6.15 5.89
CA ASN A 79 -2.97 5.47 7.17
C ASN A 79 -2.60 3.99 7.13
N PHE A 80 -1.32 3.76 7.42
CA PHE A 80 -0.73 2.42 7.56
C PHE A 80 -1.16 1.77 8.88
N SER A 81 -2.30 1.09 8.79
CA SER A 81 -2.94 0.37 9.90
C SER A 81 -3.08 -1.11 9.56
N ASN A 82 -3.88 -1.86 10.31
CA ASN A 82 -4.14 -3.30 10.17
C ASN A 82 -2.82 -4.07 10.03
N GLU A 83 -2.15 -4.17 11.18
CA GLU A 83 -0.78 -4.71 11.27
C GLU A 83 -0.81 -6.15 11.78
N LYS A 84 -0.63 -7.03 10.81
CA LYS A 84 -0.64 -8.50 10.94
C LYS A 84 0.70 -9.14 10.57
N THR A 85 1.37 -9.71 11.56
CA THR A 85 2.61 -10.46 11.35
C THR A 85 2.43 -11.74 10.53
N ILE A 86 2.82 -11.59 9.27
CA ILE A 86 2.67 -12.60 8.21
C ILE A 86 3.81 -13.63 8.19
N SER A 87 3.69 -14.55 9.14
CA SER A 87 4.58 -15.72 9.29
C SER A 87 4.76 -16.50 7.99
N LYS A 88 3.69 -16.55 7.20
CA LYS A 88 3.74 -17.01 5.81
C LYS A 88 3.42 -15.83 4.91
N LEU A 89 4.46 -15.35 4.23
CA LEU A 89 4.36 -14.34 3.16
C LEU A 89 3.64 -14.95 1.96
N GLU A 90 2.32 -15.03 2.14
CA GLU A 90 1.40 -15.74 1.23
C GLU A 90 0.72 -14.84 0.20
N TYR A 91 1.61 -14.23 -0.58
CA TYR A 91 1.37 -13.38 -1.76
C TYR A 91 2.70 -12.90 -2.31
N SER A 92 2.85 -13.06 -3.63
CA SER A 92 4.03 -12.61 -4.39
C SER A 92 3.57 -11.86 -5.64
N ASN A 93 2.94 -10.73 -5.32
CA ASN A 93 2.17 -9.87 -6.23
C ASN A 93 1.72 -8.62 -5.48
N PHE A 94 1.87 -7.44 -6.08
CA PHE A 94 1.24 -6.21 -5.57
C PHE A 94 0.17 -5.83 -6.58
N SER A 95 -1.03 -6.30 -6.24
CA SER A 95 -2.08 -6.59 -7.22
C SER A 95 -3.17 -5.54 -7.45
N VAL A 96 -3.86 -5.77 -8.56
CA VAL A 96 -4.84 -4.88 -9.21
C VAL A 96 -5.96 -4.38 -8.30
N ARG A 97 -6.30 -3.11 -8.52
CA ARG A 97 -7.37 -2.40 -7.79
C ARG A 97 -8.74 -3.06 -7.95
N TYR A 98 -9.12 -3.74 -6.87
CA TYR A 98 -10.40 -4.47 -6.78
C TYR A 98 -11.58 -3.56 -6.49
N SER A 1 2.06 -4.73 17.30
CA SER A 1 2.27 -5.75 16.26
C SER A 1 2.57 -7.16 16.78
N THR A 2 1.89 -8.10 16.13
CA THR A 2 2.02 -9.55 16.27
C THR A 2 3.27 -10.18 15.63
N ALA A 3 4.39 -9.52 15.89
CA ALA A 3 5.79 -9.91 15.60
C ALA A 3 6.24 -10.27 14.19
N ARG A 4 5.52 -11.18 13.57
CA ARG A 4 5.86 -11.92 12.33
C ARG A 4 6.44 -11.09 11.19
N PRO A 5 7.59 -11.51 10.65
CA PRO A 5 8.49 -10.69 9.85
C PRO A 5 7.93 -9.91 8.64
N LEU A 6 6.91 -10.44 7.99
CA LEU A 6 6.36 -9.83 6.77
C LEU A 6 5.07 -9.09 7.06
N LYS A 7 5.14 -7.78 6.83
CA LYS A 7 4.04 -6.86 7.13
C LYS A 7 3.02 -6.79 5.99
N SER A 8 1.79 -7.12 6.32
CA SER A 8 0.62 -6.93 5.43
C SER A 8 -0.22 -5.78 5.98
N VAL A 9 0.10 -4.60 5.44
CA VAL A 9 -0.53 -3.34 5.84
C VAL A 9 -1.65 -2.92 4.88
N ASP A 10 -2.86 -3.07 5.42
CA ASP A 10 -4.10 -2.60 4.79
C ASP A 10 -4.35 -1.14 5.15
N TYR A 11 -3.88 -0.31 4.22
CA TYR A 11 -4.01 1.16 4.29
C TYR A 11 -5.44 1.64 4.07
N GLU A 12 -5.66 2.92 4.39
CA GLU A 12 -6.84 3.71 4.04
C GLU A 12 -6.44 5.11 3.57
N VAL A 13 -6.68 5.36 2.28
CA VAL A 13 -6.29 6.59 1.59
C VAL A 13 -7.14 7.81 1.97
N PHE A 14 -6.44 8.85 2.42
CA PHE A 14 -6.96 10.22 2.53
C PHE A 14 -6.23 11.10 1.52
N GLY A 15 -6.86 11.18 0.35
CA GLY A 15 -6.36 11.95 -0.79
C GLY A 15 -7.46 12.78 -1.47
N ARG A 16 -7.65 13.99 -0.94
CA ARG A 16 -8.67 14.95 -1.37
C ARG A 16 -8.64 15.24 -2.88
N VAL A 17 -7.48 15.67 -3.36
CA VAL A 17 -7.25 15.88 -4.81
C VAL A 17 -6.31 14.81 -5.34
N GLN A 18 -6.73 14.18 -6.42
CA GLN A 18 -6.02 13.15 -7.19
C GLN A 18 -5.89 11.78 -6.52
N GLY A 19 -5.83 11.80 -5.18
CA GLY A 19 -5.68 10.68 -4.25
C GLY A 19 -6.10 9.29 -4.75
N VAL A 20 -7.40 9.19 -5.03
CA VAL A 20 -8.05 7.96 -5.53
C VAL A 20 -7.70 7.58 -6.97
N CYS A 21 -6.40 7.28 -7.13
CA CYS A 21 -5.77 6.79 -8.36
C CYS A 21 -4.58 5.89 -8.01
N PHE A 22 -3.41 6.46 -7.80
CA PHE A 22 -2.13 5.84 -7.44
C PHE A 22 -1.52 4.78 -8.35
N ARG A 23 -2.37 3.84 -8.76
CA ARG A 23 -2.10 2.65 -9.59
C ARG A 23 -0.75 2.58 -10.31
N MET A 24 -0.62 3.25 -11.44
CA MET A 24 0.54 3.21 -12.32
C MET A 24 1.88 3.29 -11.58
N TYR A 25 1.98 4.36 -10.80
CA TYR A 25 3.15 4.72 -9.98
C TYR A 25 3.53 3.62 -9.00
N ALA A 26 2.57 3.28 -8.15
CA ALA A 26 2.70 2.24 -7.11
C ALA A 26 3.02 0.85 -7.67
N GLU A 27 2.19 0.43 -8.62
CA GLU A 27 2.20 -0.86 -9.32
C GLU A 27 3.56 -1.21 -9.93
N ASP A 28 4.05 -0.29 -10.75
CA ASP A 28 5.31 -0.44 -11.51
C ASP A 28 6.49 -0.72 -10.58
N GLU A 29 6.64 0.15 -9.59
CA GLU A 29 7.72 0.03 -8.58
C GLU A 29 7.56 -1.21 -7.69
N ALA A 30 6.35 -1.42 -7.19
CA ALA A 30 5.99 -2.54 -6.31
C ALA A 30 6.30 -3.92 -6.88
N ARG A 31 5.91 -4.12 -8.14
CA ARG A 31 6.21 -5.34 -8.90
C ARG A 31 7.71 -5.64 -8.96
N LYS A 32 8.48 -4.62 -9.35
CA LYS A 32 9.94 -4.65 -9.45
C LYS A 32 10.65 -4.99 -8.15
N ILE A 33 10.11 -4.50 -7.03
CA ILE A 33 10.63 -4.76 -5.68
C ILE A 33 10.27 -6.17 -5.19
N GLY A 34 9.08 -6.65 -5.54
CA GLY A 34 8.51 -7.91 -5.05
C GLY A 34 7.70 -7.69 -3.78
N VAL A 35 6.58 -6.98 -3.95
CA VAL A 35 5.69 -6.51 -2.88
C VAL A 35 4.29 -6.21 -3.41
N VAL A 36 3.34 -6.31 -2.48
CA VAL A 36 1.92 -5.91 -2.56
C VAL A 36 1.07 -6.71 -3.56
N GLY A 37 -0.21 -6.76 -3.21
CA GLY A 37 -1.23 -7.54 -3.95
C GLY A 37 -2.31 -6.66 -4.58
N TRP A 38 -3.37 -6.41 -3.81
CA TRP A 38 -4.57 -5.77 -4.37
C TRP A 38 -5.17 -4.65 -3.51
N VAL A 39 -5.96 -3.83 -4.21
CA VAL A 39 -6.75 -2.75 -3.59
C VAL A 39 -8.22 -3.14 -3.67
N LYS A 40 -8.89 -2.90 -2.54
CA LYS A 40 -10.33 -3.11 -2.31
C LYS A 40 -11.06 -1.81 -1.98
N ASN A 41 -12.18 -1.66 -2.68
CA ASN A 41 -13.04 -0.46 -2.72
C ASN A 41 -13.88 -0.31 -1.45
N THR A 42 -14.11 0.95 -1.08
CA THR A 42 -15.09 1.29 -0.04
C THR A 42 -16.13 2.28 -0.60
N SER A 43 -17.24 2.33 0.13
CA SER A 43 -18.31 3.32 -0.03
C SER A 43 -17.88 4.76 0.28
N LYS A 44 -16.81 4.91 1.05
CA LYS A 44 -16.40 6.19 1.64
C LYS A 44 -15.23 6.88 0.93
N GLY A 45 -14.87 6.39 -0.26
CA GLY A 45 -13.75 6.91 -1.05
C GLY A 45 -12.37 6.49 -0.53
N THR A 46 -12.26 6.41 0.79
CA THR A 46 -11.13 5.89 1.56
C THR A 46 -10.87 4.41 1.25
N VAL A 47 -10.19 4.26 0.11
CA VAL A 47 -9.86 2.95 -0.46
C VAL A 47 -8.75 2.25 0.35
N THR A 48 -8.94 0.94 0.49
CA THR A 48 -8.11 0.07 1.32
C THR A 48 -7.31 -0.92 0.48
N GLY A 49 -6.01 -1.01 0.77
CA GLY A 49 -5.08 -1.85 -0.01
C GLY A 49 -4.16 -2.70 0.86
N GLN A 50 -3.93 -3.90 0.34
CA GLN A 50 -3.19 -4.98 1.03
C GLN A 50 -1.73 -5.06 0.58
N VAL A 51 -0.95 -4.25 1.29
CA VAL A 51 0.50 -4.13 1.09
C VAL A 51 1.25 -5.18 1.92
N GLN A 52 1.31 -6.36 1.31
CA GLN A 52 2.10 -7.47 1.85
C GLN A 52 3.53 -7.40 1.33
N GLY A 53 4.42 -7.20 2.30
CA GLY A 53 5.86 -7.00 2.13
C GLY A 53 6.45 -6.28 3.34
N PRO A 54 6.36 -4.95 3.39
CA PRO A 54 7.23 -4.07 4.19
C PRO A 54 8.09 -4.69 5.30
N GLU A 55 9.22 -5.22 4.85
CA GLU A 55 10.28 -5.72 5.74
C GLU A 55 11.64 -5.12 5.36
N GLU A 56 12.06 -4.23 6.24
CA GLU A 56 13.33 -3.50 6.22
C GLU A 56 13.58 -2.67 4.96
N LYS A 57 14.18 -3.26 3.93
CA LYS A 57 14.39 -2.60 2.63
C LYS A 57 13.08 -2.11 2.02
N VAL A 58 12.05 -2.95 2.09
CA VAL A 58 10.72 -2.62 1.54
C VAL A 58 9.82 -1.83 2.48
N ASN A 59 10.32 -1.47 3.66
CA ASN A 59 9.70 -0.45 4.51
C ASN A 59 9.64 0.90 3.80
N SER A 60 10.67 1.18 3.01
CA SER A 60 10.77 2.36 2.13
C SER A 60 9.56 2.56 1.22
N MET A 61 9.00 1.47 0.70
CA MET A 61 7.79 1.50 -0.13
C MET A 61 6.61 2.08 0.65
N LYS A 62 6.35 1.51 1.82
CA LYS A 62 5.37 2.00 2.79
C LYS A 62 5.58 3.46 3.18
N SER A 63 6.82 3.77 3.57
CA SER A 63 7.28 5.10 4.00
C SER A 63 7.09 6.22 2.97
N TRP A 64 7.17 5.84 1.70
CA TRP A 64 6.83 6.67 0.53
C TRP A 64 5.33 6.81 0.27
N LEU A 65 4.63 5.68 0.24
CA LEU A 65 3.20 5.52 -0.09
C LEU A 65 2.25 6.43 0.68
N SER A 66 2.67 6.82 1.88
CA SER A 66 2.06 7.83 2.75
C SER A 66 1.84 9.19 2.07
N LYS A 67 2.95 9.77 1.63
CA LYS A 67 3.07 11.06 0.95
C LYS A 67 3.86 10.87 -0.36
N VAL A 68 3.16 10.21 -1.28
CA VAL A 68 3.65 9.83 -2.62
C VAL A 68 4.19 10.96 -3.49
N GLY A 69 3.65 12.15 -3.27
CA GLY A 69 4.13 13.41 -3.85
C GLY A 69 3.24 13.88 -5.01
N SER A 70 3.54 13.34 -6.18
CA SER A 70 2.81 13.67 -7.41
C SER A 70 2.27 12.48 -8.23
N PRO A 71 3.08 11.74 -8.96
CA PRO A 71 2.67 10.97 -10.14
C PRO A 71 1.35 10.20 -9.96
N SER A 72 0.34 10.83 -10.56
CA SER A 72 -1.06 10.36 -10.60
C SER A 72 -1.59 9.78 -9.29
N SER A 73 -1.32 10.50 -8.21
CA SER A 73 -1.67 10.11 -6.84
C SER A 73 -1.82 11.27 -5.86
N ARG A 74 -0.72 11.96 -5.57
CA ARG A 74 -0.59 13.05 -4.59
C ARG A 74 -0.73 12.59 -3.13
N ILE A 75 -1.90 12.05 -2.81
CA ILE A 75 -2.36 11.54 -1.50
C ILE A 75 -1.78 12.31 -0.31
N ASP A 76 -2.68 13.04 0.34
CA ASP A 76 -2.32 13.84 1.52
C ASP A 76 -1.93 13.06 2.78
N ARG A 77 -2.53 11.88 2.95
CA ARG A 77 -2.16 10.91 4.00
C ARG A 77 -2.73 9.53 3.71
N THR A 78 -1.85 8.59 3.38
CA THR A 78 -2.21 7.16 3.35
C THR A 78 -1.97 6.55 4.74
N ASN A 79 -3.11 6.43 5.42
CA ASN A 79 -3.25 5.92 6.80
C ASN A 79 -2.91 4.43 6.88
N PHE A 80 -1.68 4.15 7.30
CA PHE A 80 -1.18 2.79 7.53
C PHE A 80 -1.65 2.21 8.87
N SER A 81 -2.91 1.78 8.79
CA SER A 81 -3.76 1.38 9.92
C SER A 81 -3.74 -0.11 10.26
N ASN A 82 -4.30 -0.93 9.39
CA ASN A 82 -4.46 -2.38 9.59
C ASN A 82 -3.16 -3.12 9.27
N GLU A 83 -2.25 -2.98 10.24
CA GLU A 83 -0.88 -3.50 10.21
C GLU A 83 -0.83 -4.93 10.74
N LYS A 84 -1.13 -5.84 9.82
CA LYS A 84 -1.27 -7.28 10.06
C LYS A 84 0.04 -7.99 9.70
N THR A 85 0.87 -8.12 10.72
CA THR A 85 2.14 -8.85 10.63
C THR A 85 1.94 -10.36 10.59
N ILE A 86 2.34 -10.86 9.43
CA ILE A 86 2.19 -12.25 8.99
C ILE A 86 3.53 -12.89 8.65
N SER A 87 3.58 -14.19 8.88
CA SER A 87 4.72 -15.05 8.51
C SER A 87 4.67 -15.47 7.04
N LYS A 88 5.50 -14.77 6.28
CA LYS A 88 5.88 -15.04 4.88
C LYS A 88 5.14 -14.24 3.80
N LEU A 89 5.86 -13.99 2.71
CA LEU A 89 5.41 -13.13 1.60
C LEU A 89 4.96 -13.97 0.40
N GLU A 90 3.78 -13.63 -0.09
CA GLU A 90 3.17 -14.21 -1.29
C GLU A 90 2.89 -13.18 -2.38
N TYR A 91 2.35 -12.03 -1.97
CA TYR A 91 2.02 -10.89 -2.84
C TYR A 91 3.24 -10.10 -3.31
N SER A 92 3.66 -10.51 -4.50
CA SER A 92 4.76 -9.93 -5.27
C SER A 92 4.40 -8.73 -6.16
N ASN A 93 3.11 -8.64 -6.51
CA ASN A 93 2.65 -7.80 -7.62
C ASN A 93 1.38 -7.02 -7.28
N PHE A 94 1.56 -5.72 -7.12
CA PHE A 94 0.43 -4.78 -6.98
C PHE A 94 -0.36 -4.70 -8.28
N SER A 95 -1.67 -4.94 -8.16
CA SER A 95 -2.64 -4.87 -9.27
C SER A 95 -4.06 -4.47 -8.87
N VAL A 96 -4.39 -3.26 -9.32
CA VAL A 96 -5.73 -2.67 -9.48
C VAL A 96 -6.75 -2.75 -8.34
N ARG A 97 -7.92 -2.20 -8.62
CA ARG A 97 -9.03 -2.09 -7.66
C ARG A 97 -10.18 -3.07 -7.92
N TYR A 98 -10.67 -3.60 -6.80
CA TYR A 98 -11.76 -4.58 -6.73
C TYR A 98 -12.91 -4.14 -5.82
N SER A 1 1.65 -18.11 11.41
CA SER A 1 2.68 -17.65 12.35
C SER A 1 2.85 -16.14 12.42
N THR A 2 2.29 -15.61 13.51
CA THR A 2 2.26 -14.18 13.87
C THR A 2 3.61 -13.56 14.22
N ALA A 3 4.50 -14.37 14.80
CA ALA A 3 5.91 -13.99 15.02
C ALA A 3 6.68 -13.97 13.70
N ARG A 4 6.31 -13.00 12.88
CA ARG A 4 6.84 -12.82 11.52
C ARG A 4 6.95 -11.34 11.13
N PRO A 5 8.13 -10.88 10.72
CA PRO A 5 8.34 -9.50 10.27
C PRO A 5 7.82 -9.19 8.86
N LEU A 6 6.72 -9.86 8.52
CA LEU A 6 6.02 -9.74 7.24
C LEU A 6 4.65 -9.12 7.52
N LYS A 7 4.62 -7.82 7.32
CA LYS A 7 3.60 -6.91 7.85
C LYS A 7 2.54 -6.59 6.80
N SER A 8 1.34 -7.07 7.10
CA SER A 8 0.13 -6.82 6.31
C SER A 8 -0.75 -5.77 7.00
N VAL A 9 -0.64 -4.56 6.45
CA VAL A 9 -1.31 -3.36 6.97
C VAL A 9 -2.33 -2.80 5.98
N ASP A 10 -3.44 -2.32 6.54
CA ASP A 10 -4.53 -1.69 5.79
C ASP A 10 -4.43 -0.16 5.89
N TYR A 11 -4.33 0.41 4.69
CA TYR A 11 -4.21 1.87 4.50
C TYR A 11 -5.53 2.50 4.04
N GLU A 12 -5.67 3.74 4.49
CA GLU A 12 -6.84 4.60 4.21
C GLU A 12 -6.37 5.91 3.56
N VAL A 13 -6.24 5.84 2.24
CA VAL A 13 -5.79 6.95 1.37
C VAL A 13 -6.94 7.91 1.09
N PHE A 14 -6.76 9.07 1.70
CA PHE A 14 -7.63 10.25 1.61
C PHE A 14 -7.06 11.13 0.49
N GLY A 15 -7.37 10.67 -0.72
CA GLY A 15 -7.07 11.40 -1.97
C GLY A 15 -8.36 11.90 -2.61
N ARG A 16 -9.13 12.64 -1.81
CA ARG A 16 -10.47 13.11 -2.19
C ARG A 16 -10.47 14.04 -3.41
N VAL A 17 -9.42 14.86 -3.51
CA VAL A 17 -9.19 15.74 -4.66
C VAL A 17 -8.57 15.04 -5.87
N GLN A 18 -9.22 13.95 -6.26
CA GLN A 18 -8.87 13.05 -7.37
C GLN A 18 -7.42 12.55 -7.27
N GLY A 19 -6.53 12.98 -8.17
CA GLY A 19 -5.09 12.73 -8.13
C GLY A 19 -4.58 11.30 -8.33
N VAL A 20 -5.06 10.38 -7.49
CA VAL A 20 -4.61 8.98 -7.37
C VAL A 20 -5.07 8.00 -8.44
N CYS A 21 -4.16 7.74 -9.38
CA CYS A 21 -4.20 6.59 -10.29
C CYS A 21 -3.22 5.55 -9.76
N PHE A 22 -3.59 5.08 -8.57
CA PHE A 22 -2.81 4.19 -7.71
C PHE A 22 -2.34 2.91 -8.40
N ARG A 23 -3.15 2.45 -9.35
CA ARG A 23 -2.86 1.37 -10.29
C ARG A 23 -1.40 1.23 -10.73
N MET A 24 -0.86 2.29 -11.33
CA MET A 24 0.51 2.33 -11.86
C MET A 24 1.57 1.97 -10.81
N TYR A 25 1.33 2.44 -9.60
CA TYR A 25 2.19 2.26 -8.41
C TYR A 25 2.11 0.84 -7.88
N ALA A 26 0.88 0.40 -7.63
CA ALA A 26 0.53 -0.97 -7.19
C ALA A 26 1.08 -2.06 -8.11
N GLU A 27 1.07 -1.77 -9.41
CA GLU A 27 1.74 -2.58 -10.43
C GLU A 27 3.26 -2.43 -10.40
N ASP A 28 3.78 -1.39 -11.04
CA ASP A 28 5.21 -1.19 -11.28
C ASP A 28 6.04 -1.01 -10.01
N GLU A 29 5.71 0.02 -9.24
CA GLU A 29 6.51 0.44 -8.08
C GLU A 29 6.53 -0.61 -6.97
N ALA A 30 5.37 -1.19 -6.68
CA ALA A 30 5.23 -2.24 -5.66
C ALA A 30 6.00 -3.51 -6.00
N ARG A 31 5.93 -3.94 -7.25
CA ARG A 31 6.75 -5.04 -7.79
C ARG A 31 8.23 -4.80 -7.51
N LYS A 32 8.71 -3.64 -7.96
CA LYS A 32 10.09 -3.17 -7.82
C LYS A 32 10.60 -3.08 -6.38
N ILE A 33 9.76 -2.61 -5.45
CA ILE A 33 10.08 -2.53 -4.02
C ILE A 33 10.14 -3.89 -3.34
N GLY A 34 9.36 -4.85 -3.83
CA GLY A 34 9.14 -6.16 -3.20
C GLY A 34 7.88 -6.19 -2.34
N VAL A 35 6.84 -5.53 -2.82
CA VAL A 35 5.55 -5.35 -2.14
C VAL A 35 4.43 -6.13 -2.83
N VAL A 36 3.60 -6.66 -1.95
CA VAL A 36 2.49 -7.60 -2.19
C VAL A 36 1.18 -7.07 -1.58
N GLY A 37 0.07 -7.54 -2.14
CA GLY A 37 -1.28 -7.30 -1.61
C GLY A 37 -2.31 -7.01 -2.70
N TRP A 38 -3.29 -6.20 -2.31
CA TRP A 38 -4.43 -5.78 -3.13
C TRP A 38 -4.97 -4.43 -2.67
N VAL A 39 -5.45 -3.65 -3.63
CA VAL A 39 -5.96 -2.28 -3.40
C VAL A 39 -7.44 -2.21 -3.78
N LYS A 40 -8.21 -1.42 -3.04
CA LYS A 40 -9.63 -1.17 -3.32
C LYS A 40 -9.98 0.31 -3.27
N ASN A 41 -10.79 0.73 -4.25
CA ASN A 41 -11.46 2.04 -4.27
C ASN A 41 -12.87 1.92 -3.71
N THR A 42 -12.97 2.18 -2.41
CA THR A 42 -14.19 1.87 -1.64
C THR A 42 -15.31 2.92 -1.81
N SER A 43 -16.50 2.48 -1.41
CA SER A 43 -17.74 3.26 -1.37
C SER A 43 -17.62 4.57 -0.59
N LYS A 44 -16.83 4.53 0.48
CA LYS A 44 -16.48 5.70 1.31
C LYS A 44 -15.63 6.78 0.63
N GLY A 45 -15.26 6.54 -0.63
CA GLY A 45 -14.40 7.43 -1.44
C GLY A 45 -12.93 7.03 -1.37
N THR A 46 -12.52 6.67 -0.15
CA THR A 46 -11.16 6.26 0.24
C THR A 46 -10.58 5.14 -0.62
N VAL A 47 -9.29 5.29 -0.90
CA VAL A 47 -8.47 4.25 -1.52
C VAL A 47 -7.83 3.44 -0.39
N THR A 48 -8.45 2.27 -0.22
CA THR A 48 -8.13 1.28 0.83
C THR A 48 -7.47 0.05 0.22
N GLY A 49 -7.44 -1.02 1.01
CA GLY A 49 -6.82 -2.32 0.70
C GLY A 49 -5.75 -2.67 1.73
N GLN A 50 -5.08 -3.78 1.40
CA GLN A 50 -4.03 -4.37 2.23
C GLN A 50 -2.72 -4.57 1.45
N VAL A 51 -1.68 -4.16 2.15
CA VAL A 51 -0.27 -4.25 1.70
C VAL A 51 0.52 -5.16 2.65
N GLN A 52 0.99 -6.24 2.05
CA GLN A 52 1.93 -7.20 2.66
C GLN A 52 3.32 -6.91 2.08
N GLY A 53 4.27 -6.80 3.02
CA GLY A 53 5.69 -6.59 2.75
C GLY A 53 6.52 -6.95 3.97
N PRO A 54 7.76 -7.43 3.80
CA PRO A 54 8.70 -7.53 4.91
C PRO A 54 9.07 -6.12 5.41
N GLU A 55 9.29 -6.01 6.71
CA GLU A 55 9.69 -4.79 7.43
C GLU A 55 10.27 -3.65 6.60
N GLU A 56 11.39 -3.91 5.95
CA GLU A 56 12.09 -2.92 5.11
C GLU A 56 11.29 -2.38 3.92
N LYS A 57 10.56 -3.27 3.26
CA LYS A 57 9.64 -2.93 2.16
C LYS A 57 8.47 -2.08 2.65
N VAL A 58 7.96 -2.41 3.84
CA VAL A 58 6.90 -1.65 4.52
C VAL A 58 7.32 -0.22 4.85
N ASN A 59 8.56 -0.05 5.32
CA ASN A 59 9.13 1.24 5.70
C ASN A 59 9.11 2.33 4.63
N SER A 60 9.52 1.94 3.42
CA SER A 60 9.44 2.80 2.22
C SER A 60 7.98 3.02 1.79
N MET A 61 7.22 1.94 1.72
CA MET A 61 5.79 1.91 1.41
C MET A 61 4.95 2.89 2.23
N LYS A 62 5.08 2.84 3.54
CA LYS A 62 4.32 3.71 4.46
C LYS A 62 4.56 5.21 4.24
N SER A 63 5.81 5.56 3.93
CA SER A 63 6.16 6.92 3.49
C SER A 63 5.49 7.26 2.17
N TRP A 64 5.77 6.43 1.16
CA TRP A 64 5.28 6.49 -0.22
C TRP A 64 3.78 6.73 -0.36
N LEU A 65 3.00 5.99 0.41
CA LEU A 65 1.53 6.02 0.32
C LEU A 65 0.80 7.04 1.21
N SER A 66 1.52 8.00 1.79
CA SER A 66 0.88 9.02 2.64
C SER A 66 0.67 10.37 1.96
N LYS A 67 1.42 11.38 2.37
CA LYS A 67 1.37 12.78 1.89
C LYS A 67 2.64 13.05 1.09
N VAL A 68 2.61 12.50 -0.12
CA VAL A 68 3.78 12.35 -0.99
C VAL A 68 3.59 12.90 -2.42
N GLY A 69 2.52 12.47 -3.09
CA GLY A 69 2.27 12.77 -4.50
C GLY A 69 3.08 11.97 -5.51
N SER A 70 4.40 12.07 -5.36
CA SER A 70 5.44 11.43 -6.17
C SER A 70 5.18 9.97 -6.57
N PRO A 71 5.62 9.58 -7.76
CA PRO A 71 6.13 10.43 -8.83
C PRO A 71 5.11 11.18 -9.70
N SER A 72 3.90 10.64 -9.84
CA SER A 72 2.87 11.14 -10.77
C SER A 72 1.46 11.36 -10.21
N SER A 73 0.98 10.41 -9.42
CA SER A 73 -0.36 10.38 -8.79
C SER A 73 -0.35 10.89 -7.35
N ARG A 74 -1.15 11.92 -7.12
CA ARG A 74 -1.18 12.65 -5.85
C ARG A 74 -1.77 11.90 -4.65
N ILE A 75 -0.89 11.14 -4.00
CA ILE A 75 -1.17 10.55 -2.69
C ILE A 75 -1.08 11.66 -1.63
N ASP A 76 -2.27 12.22 -1.43
CA ASP A 76 -2.52 13.40 -0.59
C ASP A 76 -2.31 13.20 0.92
N ARG A 77 -2.97 12.22 1.53
CA ARG A 77 -2.84 11.92 2.96
C ARG A 77 -3.39 10.53 3.25
N THR A 78 -2.77 9.85 4.22
CA THR A 78 -3.15 8.46 4.55
C THR A 78 -2.85 8.09 6.01
N ASN A 79 -3.84 7.39 6.54
CA ASN A 79 -3.74 6.67 7.82
C ASN A 79 -3.43 5.19 7.55
N PHE A 80 -2.56 4.65 8.39
CA PHE A 80 -2.15 3.24 8.37
C PHE A 80 -2.62 2.55 9.64
N SER A 81 -3.62 1.68 9.43
CA SER A 81 -4.31 0.91 10.47
C SER A 81 -4.24 -0.60 10.22
N ASN A 82 -4.62 -1.37 11.23
CA ASN A 82 -4.78 -2.83 11.17
C ASN A 82 -3.53 -3.55 10.64
N GLU A 83 -2.60 -3.82 11.55
CA GLU A 83 -1.39 -4.56 11.18
C GLU A 83 -1.37 -6.00 11.68
N LYS A 84 -1.46 -6.87 10.67
CA LYS A 84 -1.36 -8.33 10.76
C LYS A 84 0.06 -8.72 10.34
N THR A 85 0.93 -8.79 11.34
CA THR A 85 2.30 -9.29 11.18
C THR A 85 2.27 -10.81 11.02
N ILE A 86 2.03 -11.20 9.77
CA ILE A 86 1.64 -12.56 9.38
C ILE A 86 2.70 -13.32 8.58
N SER A 87 2.60 -14.63 8.69
CA SER A 87 3.32 -15.58 7.82
C SER A 87 2.96 -15.38 6.35
N LYS A 88 4.00 -15.33 5.54
CA LYS A 88 3.97 -15.29 4.07
C LYS A 88 3.29 -14.09 3.43
N LEU A 89 3.79 -13.74 2.24
CA LEU A 89 3.27 -12.62 1.44
C LEU A 89 2.09 -13.06 0.58
N GLU A 90 0.90 -12.79 1.10
CA GLU A 90 -0.37 -13.26 0.50
C GLU A 90 -0.86 -12.34 -0.62
N TYR A 91 -0.27 -12.58 -1.78
CA TYR A 91 -0.62 -12.11 -3.14
C TYR A 91 0.60 -12.07 -4.06
N SER A 92 0.34 -12.26 -5.35
CA SER A 92 1.33 -12.03 -6.42
C SER A 92 1.40 -10.54 -6.77
N ASN A 93 2.27 -9.90 -6.01
CA ASN A 93 2.47 -8.44 -5.95
C ASN A 93 1.22 -7.69 -5.49
N PHE A 94 1.40 -6.38 -5.26
CA PHE A 94 0.33 -5.47 -4.86
C PHE A 94 -0.61 -5.17 -6.04
N SER A 95 -1.34 -6.23 -6.39
CA SER A 95 -2.11 -6.33 -7.64
C SER A 95 -3.46 -5.63 -7.65
N VAL A 96 -3.44 -4.57 -8.45
CA VAL A 96 -4.58 -3.79 -8.97
C VAL A 96 -5.56 -3.23 -7.94
N ARG A 97 -6.34 -2.28 -8.43
CA ARG A 97 -7.36 -1.59 -7.64
C ARG A 97 -8.77 -1.96 -8.11
N TYR A 98 -9.43 -2.65 -7.18
CA TYR A 98 -10.78 -3.22 -7.30
C TYR A 98 -11.86 -2.18 -6.98
N SER A 1 2.90 -7.49 16.84
CA SER A 1 1.58 -7.49 16.19
C SER A 1 0.76 -8.77 16.35
N THR A 2 1.12 -9.80 15.59
CA THR A 2 0.44 -11.11 15.56
C THR A 2 1.41 -12.27 15.63
N ALA A 3 1.98 -12.62 14.47
CA ALA A 3 2.94 -13.73 14.30
C ALA A 3 4.25 -13.22 13.70
N ARG A 4 4.83 -13.98 12.77
CA ARG A 4 6.17 -13.77 12.20
C ARG A 4 6.46 -12.35 11.73
N PRO A 5 7.60 -11.77 12.10
CA PRO A 5 7.98 -10.41 11.69
C PRO A 5 8.30 -10.24 10.20
N LEU A 6 7.22 -10.27 9.42
CA LEU A 6 7.13 -9.83 8.03
C LEU A 6 5.91 -8.89 8.00
N LYS A 7 6.12 -7.68 7.47
CA LYS A 7 5.15 -6.60 7.73
C LYS A 7 4.16 -6.45 6.58
N SER A 8 2.91 -6.72 6.93
CA SER A 8 1.77 -6.37 6.08
C SER A 8 1.01 -5.19 6.69
N VAL A 9 0.93 -4.17 5.83
CA VAL A 9 0.34 -2.86 6.15
C VAL A 9 -0.92 -2.69 5.32
N ASP A 10 -2.04 -2.78 6.05
CA ASP A 10 -3.38 -2.52 5.53
C ASP A 10 -3.67 -1.02 5.68
N TYR A 11 -3.41 -0.41 4.53
CA TYR A 11 -3.39 1.03 4.30
C TYR A 11 -4.72 1.57 3.77
N GLU A 12 -4.97 2.83 4.11
CA GLU A 12 -6.04 3.65 3.51
C GLU A 12 -5.42 4.96 3.03
N VAL A 13 -5.11 4.97 1.74
CA VAL A 13 -4.51 6.12 1.03
C VAL A 13 -5.55 7.25 0.95
N PHE A 14 -5.16 8.44 1.40
CA PHE A 14 -5.99 9.64 1.27
C PHE A 14 -5.21 10.79 0.63
N GLY A 15 -5.87 11.48 -0.28
CA GLY A 15 -5.28 12.56 -1.08
C GLY A 15 -5.75 13.95 -0.63
N ARG A 16 -4.78 14.77 -0.24
CA ARG A 16 -4.97 16.20 0.08
C ARG A 16 -5.95 16.95 -0.81
N VAL A 17 -5.84 16.70 -2.13
CA VAL A 17 -6.88 17.06 -3.10
C VAL A 17 -7.34 15.80 -3.83
N GLN A 18 -8.63 15.79 -4.18
CA GLN A 18 -9.26 14.68 -4.91
C GLN A 18 -8.58 14.23 -6.21
N GLY A 19 -9.06 13.08 -6.68
CA GLY A 19 -8.54 12.36 -7.86
C GLY A 19 -7.96 11.02 -7.43
N VAL A 20 -6.75 11.10 -6.88
CA VAL A 20 -5.95 10.02 -6.28
C VAL A 20 -5.51 9.00 -7.33
N CYS A 21 -6.46 8.18 -7.80
CA CYS A 21 -6.27 7.12 -8.79
C CYS A 21 -5.01 6.27 -8.61
N PHE A 22 -4.74 6.01 -7.32
CA PHE A 22 -3.49 5.43 -6.82
C PHE A 22 -3.21 4.02 -7.33
N ARG A 23 -4.27 3.27 -7.64
CA ARG A 23 -4.27 1.94 -8.26
C ARG A 23 -3.02 1.51 -9.02
N MET A 24 -2.84 2.09 -10.21
CA MET A 24 -1.73 1.77 -11.12
C MET A 24 -0.34 2.04 -10.54
N TYR A 25 -0.24 3.17 -9.83
CA TYR A 25 0.98 3.59 -9.14
C TYR A 25 1.39 2.60 -8.04
N ALA A 26 0.40 2.22 -7.25
CA ALA A 26 0.50 1.18 -6.20
C ALA A 26 1.10 -0.11 -6.74
N GLU A 27 0.44 -0.62 -7.77
CA GLU A 27 0.81 -1.83 -8.53
C GLU A 27 2.25 -1.81 -9.01
N ASP A 28 2.58 -0.81 -9.81
CA ASP A 28 3.91 -0.62 -10.43
C ASP A 28 5.04 -0.47 -9.41
N GLU A 29 4.88 0.46 -8.48
CA GLU A 29 5.88 0.76 -7.44
C GLU A 29 6.07 -0.42 -6.48
N ALA A 30 4.97 -1.09 -6.14
CA ALA A 30 4.97 -2.31 -5.30
C ALA A 30 5.86 -3.42 -5.86
N ARG A 31 5.72 -3.67 -7.16
CA ARG A 31 6.56 -4.60 -7.93
C ARG A 31 8.05 -4.27 -7.75
N LYS A 32 8.38 -3.00 -7.92
CA LYS A 32 9.74 -2.46 -7.78
C LYS A 32 10.34 -2.62 -6.38
N ILE A 33 9.61 -2.19 -5.35
CA ILE A 33 10.05 -2.20 -3.95
C ILE A 33 10.20 -3.62 -3.39
N GLY A 34 9.46 -4.57 -3.96
CA GLY A 34 9.39 -5.95 -3.50
C GLY A 34 8.20 -6.17 -2.55
N VAL A 35 7.03 -5.79 -3.05
CA VAL A 35 5.76 -5.90 -2.31
C VAL A 35 4.83 -6.86 -3.05
N VAL A 36 4.15 -7.64 -2.20
CA VAL A 36 3.08 -8.56 -2.58
C VAL A 36 1.77 -8.20 -1.88
N GLY A 37 0.68 -8.79 -2.35
CA GLY A 37 -0.65 -8.64 -1.73
C GLY A 37 -1.76 -8.45 -2.76
N TRP A 38 -2.61 -7.48 -2.46
CA TRP A 38 -3.80 -7.14 -3.25
C TRP A 38 -4.32 -5.74 -2.90
N VAL A 39 -4.94 -5.12 -3.89
CA VAL A 39 -5.49 -3.75 -3.78
C VAL A 39 -7.01 -3.72 -3.91
N LYS A 40 -7.61 -2.93 -3.02
CA LYS A 40 -9.06 -2.75 -2.92
C LYS A 40 -9.49 -1.31 -3.20
N ASN A 41 -10.37 -1.24 -4.20
CA ASN A 41 -11.02 -0.01 -4.69
C ASN A 41 -11.91 0.56 -3.58
N THR A 42 -11.55 1.74 -3.09
CA THR A 42 -12.25 2.38 -1.97
C THR A 42 -13.15 3.51 -2.45
N SER A 43 -13.05 4.68 -1.84
CA SER A 43 -13.93 5.83 -2.10
C SER A 43 -13.18 6.92 -2.88
N LYS A 44 -13.56 7.03 -4.15
CA LYS A 44 -13.05 8.00 -5.12
C LYS A 44 -11.53 8.08 -5.23
N GLY A 45 -11.01 7.19 -6.07
CA GLY A 45 -9.58 7.07 -6.39
C GLY A 45 -8.69 6.44 -5.32
N THR A 46 -9.06 6.63 -4.06
CA THR A 46 -8.38 6.05 -2.90
C THR A 46 -8.38 4.52 -2.95
N VAL A 47 -7.29 4.00 -2.39
CA VAL A 47 -7.08 2.55 -2.31
C VAL A 47 -6.60 2.08 -0.92
N THR A 48 -7.43 1.14 -0.47
CA THR A 48 -7.09 0.16 0.58
C THR A 48 -6.55 -1.12 -0.06
N GLY A 49 -6.37 -2.14 0.79
CA GLY A 49 -5.78 -3.44 0.47
C GLY A 49 -4.68 -3.81 1.48
N GLN A 50 -3.79 -4.67 0.99
CA GLN A 50 -2.71 -5.29 1.77
C GLN A 50 -1.35 -5.19 1.07
N VAL A 51 -0.50 -4.36 1.66
CA VAL A 51 0.92 -4.22 1.30
C VAL A 51 1.77 -5.13 2.19
N GLN A 52 2.08 -6.29 1.62
CA GLN A 52 2.85 -7.36 2.27
C GLN A 52 4.30 -7.32 1.77
N GLY A 53 5.18 -6.88 2.66
CA GLY A 53 6.62 -6.74 2.42
C GLY A 53 7.49 -7.27 3.57
N PRO A 54 8.70 -7.74 3.29
CA PRO A 54 9.62 -8.17 4.35
C PRO A 54 10.20 -6.97 5.10
N GLU A 55 10.58 -7.22 6.35
CA GLU A 55 11.03 -6.19 7.31
C GLU A 55 11.93 -5.07 6.78
N GLU A 56 12.99 -5.42 6.05
CA GLU A 56 13.89 -4.41 5.47
C GLU A 56 13.17 -3.52 4.45
N LYS A 57 12.68 -4.13 3.37
CA LYS A 57 12.04 -3.43 2.25
C LYS A 57 10.80 -2.62 2.65
N VAL A 58 10.09 -3.11 3.66
CA VAL A 58 8.83 -2.51 4.15
C VAL A 58 8.94 -1.03 4.54
N ASN A 59 10.07 -0.65 5.11
CA ASN A 59 10.36 0.74 5.49
C ASN A 59 10.17 1.74 4.34
N SER A 60 10.62 1.31 3.17
CA SER A 60 10.50 2.07 1.91
C SER A 60 9.07 2.21 1.41
N MET A 61 8.37 1.09 1.27
CA MET A 61 6.98 1.07 0.78
C MET A 61 6.00 1.89 1.61
N LYS A 62 6.20 1.89 2.92
CA LYS A 62 5.49 2.75 3.89
C LYS A 62 5.57 4.23 3.49
N SER A 63 6.79 4.75 3.44
CA SER A 63 7.06 6.14 3.05
C SER A 63 6.47 6.54 1.70
N TRP A 64 6.61 5.65 0.71
CA TRP A 64 6.01 5.82 -0.62
C TRP A 64 4.49 5.98 -0.62
N LEU A 65 3.76 5.05 -0.01
CA LEU A 65 2.30 5.10 0.08
C LEU A 65 1.72 6.41 0.61
N SER A 66 2.52 7.05 1.46
CA SER A 66 2.32 8.44 1.90
C SER A 66 2.80 9.50 0.91
N LYS A 67 4.11 9.62 0.73
CA LYS A 67 4.78 10.68 -0.04
C LYS A 67 4.50 10.74 -1.54
N VAL A 68 4.16 9.59 -2.11
CA VAL A 68 3.68 9.33 -3.47
C VAL A 68 4.60 9.67 -4.65
N GLY A 69 4.81 10.96 -4.89
CA GLY A 69 5.54 11.50 -6.04
C GLY A 69 4.63 12.34 -6.94
N SER A 70 4.38 11.81 -8.14
CA SER A 70 3.70 12.54 -9.21
C SER A 70 2.19 12.80 -9.10
N PRO A 71 1.36 11.96 -8.48
CA PRO A 71 -0.06 12.27 -8.30
C PRO A 71 -0.30 13.60 -7.57
N SER A 72 -0.79 14.52 -8.38
CA SER A 72 -1.20 15.90 -8.05
C SER A 72 -2.00 16.02 -6.75
N SER A 73 -2.74 14.95 -6.46
CA SER A 73 -3.47 14.72 -5.20
C SER A 73 -2.67 14.91 -3.91
N ARG A 74 -1.34 14.77 -4.02
CA ARG A 74 -0.33 14.97 -2.98
C ARG A 74 -0.23 13.87 -1.92
N ILE A 75 -1.37 13.28 -1.61
CA ILE A 75 -1.56 12.17 -0.65
C ILE A 75 -1.07 12.53 0.75
N ASP A 76 0.23 12.37 1.00
CA ASP A 76 0.96 12.60 2.25
C ASP A 76 0.51 11.83 3.49
N ARG A 77 -0.81 11.72 3.66
CA ARG A 77 -1.44 11.04 4.80
C ARG A 77 -2.12 9.75 4.36
N THR A 78 -1.40 8.66 4.65
CA THR A 78 -1.94 7.31 4.47
C THR A 78 -2.00 6.55 5.80
N ASN A 79 -3.21 6.04 6.01
CA ASN A 79 -3.65 5.39 7.25
C ASN A 79 -3.21 3.91 7.28
N PHE A 80 -1.96 3.76 7.71
CA PHE A 80 -1.26 2.49 7.92
C PHE A 80 -1.76 1.73 9.15
N SER A 81 -3.07 1.82 9.32
CA SER A 81 -3.84 1.52 10.55
C SER A 81 -3.71 0.09 11.08
N ASN A 82 -3.64 -0.86 10.15
CA ASN A 82 -3.46 -2.28 10.50
C ASN A 82 -2.12 -2.81 9.98
N GLU A 83 -1.11 -2.63 10.82
CA GLU A 83 0.20 -3.26 10.61
C GLU A 83 0.28 -4.60 11.34
N LYS A 84 0.14 -5.62 10.51
CA LYS A 84 0.04 -7.04 10.84
C LYS A 84 1.31 -7.77 10.43
N THR A 85 1.95 -8.37 11.43
CA THR A 85 3.14 -9.22 11.24
C THR A 85 2.76 -10.65 10.85
N ILE A 86 2.72 -10.79 9.54
CA ILE A 86 2.24 -12.00 8.84
C ILE A 86 3.28 -13.13 8.76
N SER A 87 2.75 -14.32 8.94
CA SER A 87 3.48 -15.58 8.74
C SER A 87 3.70 -15.87 7.25
N LYS A 88 4.81 -15.30 6.78
CA LYS A 88 5.32 -15.39 5.41
C LYS A 88 4.50 -14.55 4.44
N LEU A 89 5.14 -14.16 3.32
CA LEU A 89 4.49 -13.36 2.29
C LEU A 89 3.52 -14.20 1.46
N GLU A 90 2.24 -13.90 1.65
CA GLU A 90 1.11 -14.77 1.27
C GLU A 90 0.61 -14.64 -0.16
N TYR A 91 1.39 -13.97 -1.01
CA TYR A 91 1.05 -13.70 -2.41
C TYR A 91 2.29 -13.65 -3.30
N SER A 92 2.07 -13.92 -4.58
CA SER A 92 3.08 -13.82 -5.64
C SER A 92 3.52 -12.39 -5.95
N ASN A 93 2.53 -11.51 -6.10
CA ASN A 93 2.69 -10.07 -6.29
C ASN A 93 1.44 -9.31 -5.85
N PHE A 94 1.56 -7.98 -5.85
CA PHE A 94 0.49 -7.04 -5.49
C PHE A 94 -0.58 -6.98 -6.59
N SER A 95 -1.60 -7.81 -6.35
CA SER A 95 -2.70 -8.08 -7.28
C SER A 95 -3.56 -6.87 -7.63
N VAL A 96 -3.93 -6.90 -8.90
CA VAL A 96 -4.77 -5.90 -9.59
C VAL A 96 -6.17 -5.88 -8.97
N ARG A 97 -6.72 -4.67 -8.91
CA ARG A 97 -8.06 -4.33 -8.39
C ARG A 97 -9.04 -5.43 -8.00
N TYR A 98 -9.46 -5.31 -6.74
CA TYR A 98 -10.61 -6.03 -6.17
C TYR A 98 -11.66 -5.09 -5.59
#